data_6SJR
#
_entry.id   6SJR
#
_cell.length_a   76.020
_cell.length_b   84.010
_cell.length_c   86.400
_cell.angle_alpha   90.000
_cell.angle_beta   90.000
_cell.angle_gamma   90.000
#
_symmetry.space_group_name_H-M   'P 21 21 21'
#
loop_
_entity.id
_entity.type
_entity.pdbx_description
1 polymer 'Tetrahydromethanopterin S-methyltransferase'
2 non-polymer 'N-[4-({[(6S)-2-AMINO-4-HYDROXY-5-METHYL-5,6,7,8-TETRAHYDROPTERIDIN-6-YL]METHYL}AMINO)BENZOYL]-L-GLUTAMIC ACID'
3 non-polymer GLYCEROL
4 water water
#
_entity_poly.entity_id   1
_entity_poly.type   'polypeptide(L)'
_entity_poly.pdbx_seq_one_letter_code
;GSFKFTAQQHVYDINGVKVGGQPGEYPTVLIGSIFYRGHKIVSDGQKGIFDKDAAKALLDQEAELSAETGNPFIIDVLGE
SVEALTKYVEFILENTTAPFLLDSISPDVRVGALKNLGKDPEIQKRLIYNSIEEHYTEEELAAIKEAGLKTAVILAFSKK
ALKPNARIDLLQGKDDKEGLIAAAKRAGIEQFLVDPGVLDVASNSWTTEAINVVKEQFGYPGGCAPSAAVYLWKKMRSKG
TPFFEVAGAAVFTYPITQGADFILYGPMMNAPWVYRAIATTDAMIAYNNKLTGVKMGTTEHPLLKIF
;
_entity_poly.pdbx_strand_id   A,B
#
loop_
_chem_comp.id
_chem_comp.type
_chem_comp.name
_chem_comp.formula
GOL non-polymer GLYCEROL 'C3 H8 O3'
THH non-polymer 'N-[4-({[(6S)-2-AMINO-4-HYDROXY-5-METHYL-5,6,7,8-TETRAHYDROPTERIDIN-6-YL]METHYL}AMINO)BENZOYL]-L-GLUTAMIC ACID' 'C20 H25 N7 O6'
#
# COMPACT_ATOMS: atom_id res chain seq x y z
N PHE A 3 13.95 7.60 -2.55
CA PHE A 3 14.85 6.88 -1.59
C PHE A 3 15.56 5.74 -2.34
N LYS A 4 16.89 5.67 -2.17
CA LYS A 4 17.80 4.69 -2.84
C LYS A 4 18.72 4.07 -1.76
N PHE A 5 19.21 2.86 -1.98
CA PHE A 5 20.08 2.11 -1.04
C PHE A 5 21.55 2.32 -1.41
N THR A 6 22.40 2.49 -0.39
CA THR A 6 23.85 2.81 -0.53
C THR A 6 24.60 1.62 -1.15
N ALA A 7 24.42 0.43 -0.59
CA ALA A 7 25.04 -0.83 -1.09
C ALA A 7 24.57 -1.07 -2.52
N GLN A 8 25.48 -1.48 -3.41
CA GLN A 8 25.11 -2.02 -4.74
C GLN A 8 24.24 -3.26 -4.48
N GLN A 9 23.05 -3.29 -5.08
CA GLN A 9 22.04 -4.36 -4.85
C GLN A 9 22.42 -5.60 -5.66
N HIS A 10 22.40 -6.75 -5.01
CA HIS A 10 22.42 -8.08 -5.68
C HIS A 10 21.13 -8.22 -6.50
N VAL A 11 21.26 -8.47 -7.80
CA VAL A 11 20.13 -8.94 -8.65
C VAL A 11 20.46 -10.36 -9.09
N TYR A 12 19.81 -11.35 -8.50
CA TYR A 12 19.98 -12.77 -8.86
C TYR A 12 19.09 -13.10 -10.05
N ASP A 13 19.59 -13.97 -10.94
CA ASP A 13 18.83 -14.58 -12.06
C ASP A 13 18.62 -16.06 -11.69
N ILE A 14 17.45 -16.39 -11.16
CA ILE A 14 17.07 -17.78 -10.76
C ILE A 14 16.25 -18.37 -11.91
N ASN A 15 16.90 -19.11 -12.80
CA ASN A 15 16.28 -19.73 -14.00
C ASN A 15 15.45 -18.67 -14.74
N GLY A 16 15.98 -17.45 -14.88
CA GLY A 16 15.36 -16.37 -15.67
C GLY A 16 14.62 -15.35 -14.82
N VAL A 17 14.25 -15.70 -13.58
CA VAL A 17 13.54 -14.78 -12.64
C VAL A 17 14.59 -13.85 -12.03
N LYS A 18 14.53 -12.55 -12.35
CA LYS A 18 15.36 -11.50 -11.72
C LYS A 18 14.71 -11.12 -10.38
N VAL A 19 15.48 -11.12 -9.30
CA VAL A 19 15.00 -10.69 -7.95
C VAL A 19 16.08 -9.82 -7.30
N GLY A 20 15.66 -8.68 -6.75
CA GLY A 20 16.55 -7.70 -6.09
C GLY A 20 16.58 -6.39 -6.87
N GLY A 21 17.58 -5.56 -6.59
CA GLY A 21 17.81 -4.27 -7.26
C GLY A 21 17.32 -3.11 -6.43
N GLN A 22 17.55 -1.89 -6.91
CA GLN A 22 17.06 -0.63 -6.29
C GLN A 22 15.55 -0.56 -6.52
N PRO A 23 14.80 0.18 -5.67
CA PRO A 23 13.36 0.34 -5.88
C PRO A 23 13.05 0.86 -7.30
N GLY A 24 12.15 0.18 -8.02
CA GLY A 24 11.68 0.59 -9.36
C GLY A 24 12.49 -0.02 -10.49
N GLU A 25 13.56 -0.76 -10.17
CA GLU A 25 14.47 -1.38 -11.17
C GLU A 25 13.81 -2.63 -11.75
N TYR A 26 13.34 -3.53 -10.88
CA TYR A 26 12.73 -4.83 -11.25
C TYR A 26 11.35 -4.95 -10.61
N PRO A 27 10.37 -5.58 -11.29
CA PRO A 27 9.07 -5.82 -10.69
C PRO A 27 9.20 -6.76 -9.48
N THR A 28 8.22 -6.69 -8.58
CA THR A 28 8.08 -7.59 -7.41
C THR A 28 7.96 -9.02 -7.90
N VAL A 29 8.74 -9.94 -7.32
CA VAL A 29 8.59 -11.40 -7.54
C VAL A 29 7.50 -11.87 -6.57
N LEU A 30 6.47 -12.53 -7.09
CA LEU A 30 5.32 -13.01 -6.27
C LEU A 30 5.43 -14.53 -6.09
N ILE A 31 5.29 -14.97 -4.85
CA ILE A 31 5.52 -16.39 -4.43
C ILE A 31 4.22 -16.92 -3.81
N GLY A 32 3.50 -17.71 -4.60
CA GLY A 32 2.20 -18.30 -4.22
C GLY A 32 2.38 -19.71 -3.68
N SER A 33 1.63 -20.06 -2.63
CA SER A 33 1.71 -21.36 -1.92
C SER A 33 0.79 -22.38 -2.58
N ILE A 34 1.28 -23.62 -2.71
CA ILE A 34 0.52 -24.79 -3.22
C ILE A 34 0.82 -25.99 -2.32
N PHE A 35 -0.20 -26.80 -2.04
CA PHE A 35 -0.15 -28.00 -1.17
C PHE A 35 0.10 -27.62 0.29
N TYR A 36 -0.25 -26.38 0.67
CA TYR A 36 -0.27 -25.90 2.08
C TYR A 36 -1.28 -26.73 2.88
N ARG A 37 -1.13 -26.73 4.22
CA ARG A 37 -2.07 -27.45 5.12
C ARG A 37 -3.48 -26.91 4.89
N GLY A 38 -4.42 -27.81 4.55
CA GLY A 38 -5.84 -27.47 4.33
C GLY A 38 -6.14 -27.14 2.88
N HIS A 39 -5.14 -27.16 1.99
CA HIS A 39 -5.35 -26.94 0.53
C HIS A 39 -6.30 -28.02 0.04
N LYS A 40 -7.45 -27.63 -0.53
CA LYS A 40 -8.56 -28.53 -0.90
C LYS A 40 -8.14 -29.46 -2.05
N ILE A 41 -7.07 -29.15 -2.78
CA ILE A 41 -6.59 -29.98 -3.93
C ILE A 41 -5.71 -31.13 -3.41
N VAL A 42 -5.44 -31.20 -2.10
CA VAL A 42 -4.74 -32.34 -1.44
C VAL A 42 -5.77 -33.14 -0.64
N SER A 43 -5.89 -34.44 -0.92
CA SER A 43 -6.79 -35.40 -0.22
C SER A 43 -6.03 -36.16 0.86
N ASP A 44 -4.74 -36.41 0.63
CA ASP A 44 -3.83 -37.13 1.57
C ASP A 44 -2.47 -36.43 1.58
N GLY A 45 -2.22 -35.65 2.63
CA GLY A 45 -0.97 -34.87 2.80
C GLY A 45 0.21 -35.74 3.19
N GLN A 46 -0.03 -37.00 3.58
CA GLN A 46 1.04 -37.96 3.97
C GLN A 46 1.54 -38.69 2.71
N LYS A 47 0.64 -39.20 1.88
CA LYS A 47 0.99 -39.92 0.62
C LYS A 47 1.23 -38.94 -0.53
N GLY A 48 0.73 -37.70 -0.42
CA GLY A 48 0.83 -36.68 -1.49
C GLY A 48 -0.14 -36.96 -2.63
N ILE A 49 -1.38 -37.30 -2.30
CA ILE A 49 -2.49 -37.47 -3.29
C ILE A 49 -3.12 -36.08 -3.50
N PHE A 50 -2.95 -35.53 -4.70
CA PHE A 50 -3.39 -34.16 -5.06
C PHE A 50 -4.03 -34.15 -6.44
N ASP A 51 -4.83 -33.11 -6.71
CA ASP A 51 -5.59 -32.91 -7.96
C ASP A 51 -4.63 -32.31 -9.00
N LYS A 52 -4.12 -33.15 -9.90
CA LYS A 52 -3.10 -32.77 -10.92
C LYS A 52 -3.68 -31.72 -11.86
N ASP A 53 -4.94 -31.90 -12.28
CA ASP A 53 -5.67 -30.93 -13.16
C ASP A 53 -5.76 -29.57 -12.45
N ALA A 54 -6.17 -29.55 -11.18
CA ALA A 54 -6.36 -28.31 -10.39
C ALA A 54 -5.01 -27.63 -10.17
N ALA A 55 -3.98 -28.42 -9.84
CA ALA A 55 -2.59 -27.95 -9.64
C ALA A 55 -2.09 -27.29 -10.94
N LYS A 56 -2.27 -27.96 -12.08
CA LYS A 56 -1.88 -27.43 -13.41
C LYS A 56 -2.63 -26.11 -13.69
N ALA A 57 -3.93 -26.07 -13.38
CA ALA A 57 -4.79 -24.88 -13.59
C ALA A 57 -4.24 -23.69 -12.79
N LEU A 58 -3.81 -23.91 -11.54
CA LEU A 58 -3.20 -22.85 -10.69
C LEU A 58 -1.89 -22.36 -11.33
N LEU A 59 -1.05 -23.28 -11.79
CA LEU A 59 0.27 -22.95 -12.40
C LEU A 59 0.05 -22.17 -13.71
N ASP A 60 -0.94 -22.58 -14.52
CA ASP A 60 -1.28 -21.91 -15.80
C ASP A 60 -1.83 -20.51 -15.50
N GLN A 61 -2.70 -20.38 -14.51
CA GLN A 61 -3.24 -19.07 -14.04
C GLN A 61 -2.08 -18.17 -13.63
N GLU A 62 -1.10 -18.71 -12.89
CA GLU A 62 0.07 -17.95 -12.39
C GLU A 62 0.88 -17.42 -13.58
N ALA A 63 1.11 -18.27 -14.58
CA ALA A 63 1.83 -17.93 -15.83
C ALA A 63 1.09 -16.80 -16.56
N GLU A 64 -0.23 -16.89 -16.64
CA GLU A 64 -1.10 -15.91 -17.37
C GLU A 64 -1.05 -14.55 -16.66
N LEU A 65 -1.20 -14.53 -15.33
CA LEU A 65 -1.16 -13.28 -14.53
C LEU A 65 0.24 -12.65 -14.64
N SER A 66 1.28 -13.48 -14.57
CA SER A 66 2.71 -13.05 -14.71
C SER A 66 2.91 -12.37 -16.08
N ALA A 67 2.39 -12.98 -17.15
CA ALA A 67 2.47 -12.47 -18.54
C ALA A 67 1.73 -11.12 -18.63
N GLU A 68 0.61 -10.99 -17.91
CA GLU A 68 -0.27 -9.80 -17.96
C GLU A 68 0.40 -8.60 -17.28
N THR A 69 1.00 -8.78 -16.10
CA THR A 69 1.52 -7.67 -15.25
C THR A 69 3.04 -7.52 -15.40
N GLY A 70 3.76 -8.59 -15.73
CA GLY A 70 5.24 -8.59 -15.80
C GLY A 70 5.87 -9.00 -14.48
N ASN A 71 5.06 -9.25 -13.44
CA ASN A 71 5.54 -9.78 -12.14
C ASN A 71 5.98 -11.23 -12.32
N PRO A 72 7.29 -11.54 -12.18
CA PRO A 72 7.76 -12.92 -12.23
C PRO A 72 7.21 -13.69 -11.02
N PHE A 73 7.20 -15.02 -11.11
CA PHE A 73 6.68 -15.89 -10.03
C PHE A 73 7.67 -17.00 -9.71
N ILE A 74 7.71 -17.32 -8.42
CA ILE A 74 8.39 -18.50 -7.81
C ILE A 74 7.31 -19.23 -7.00
N ILE A 75 7.19 -20.54 -7.17
CA ILE A 75 6.11 -21.34 -6.51
C ILE A 75 6.60 -21.76 -5.12
N ASP A 76 5.80 -21.50 -4.08
CA ASP A 76 6.06 -21.99 -2.71
C ASP A 76 5.45 -23.39 -2.58
N VAL A 77 6.27 -24.43 -2.70
CA VAL A 77 5.82 -25.85 -2.67
C VAL A 77 5.95 -26.38 -1.24
N LEU A 78 4.80 -26.60 -0.59
CA LEU A 78 4.72 -27.05 0.82
C LEU A 78 4.39 -28.55 0.86
N GLY A 79 4.92 -29.25 1.88
CA GLY A 79 4.64 -30.67 2.14
C GLY A 79 4.76 -30.99 3.61
N GLU A 80 3.98 -31.95 4.09
CA GLU A 80 3.93 -32.38 5.52
C GLU A 80 4.68 -33.72 5.69
N SER A 81 5.09 -34.35 4.58
CA SER A 81 5.83 -35.64 4.57
C SER A 81 6.87 -35.63 3.45
N VAL A 82 7.94 -36.43 3.60
CA VAL A 82 8.99 -36.63 2.57
C VAL A 82 8.33 -37.14 1.28
N GLU A 83 7.49 -38.16 1.38
CA GLU A 83 6.82 -38.80 0.22
C GLU A 83 6.01 -37.74 -0.54
N ALA A 84 5.19 -36.97 0.16
CA ALA A 84 4.29 -35.94 -0.40
C ALA A 84 5.10 -34.84 -1.08
N LEU A 85 6.07 -34.25 -0.38
CA LEU A 85 6.86 -33.09 -0.88
C LEU A 85 7.67 -33.52 -2.11
N THR A 86 8.22 -34.74 -2.12
CA THR A 86 8.96 -35.32 -3.28
C THR A 86 8.03 -35.33 -4.50
N LYS A 87 6.82 -35.89 -4.37
CA LYS A 87 5.83 -36.00 -5.48
C LYS A 87 5.45 -34.60 -5.95
N TYR A 88 5.19 -33.67 -5.03
CA TYR A 88 4.79 -32.27 -5.33
C TYR A 88 5.89 -31.62 -6.19
N VAL A 89 7.14 -31.72 -5.74
CA VAL A 89 8.31 -31.11 -6.46
C VAL A 89 8.44 -31.75 -7.85
N GLU A 90 8.32 -33.07 -7.95
CA GLU A 90 8.39 -33.79 -9.26
C GLU A 90 7.32 -33.22 -10.20
N PHE A 91 6.11 -33.00 -9.70
CA PHE A 91 4.97 -32.42 -10.48
C PHE A 91 5.31 -30.99 -10.92
N ILE A 92 5.76 -30.15 -9.98
CA ILE A 92 6.10 -28.72 -10.23
C ILE A 92 7.19 -28.65 -11.31
N LEU A 93 8.23 -29.47 -11.21
CA LEU A 93 9.37 -29.50 -12.18
C LEU A 93 8.82 -29.71 -13.60
N GLU A 94 7.81 -30.57 -13.76
CA GLU A 94 7.28 -31.03 -15.06
C GLU A 94 6.24 -30.04 -15.62
N ASN A 95 5.52 -29.30 -14.75
CA ASN A 95 4.26 -28.60 -15.13
C ASN A 95 4.39 -27.08 -15.11
N THR A 96 5.57 -26.55 -14.74
CA THR A 96 5.92 -25.11 -14.88
C THR A 96 7.43 -25.01 -15.13
N THR A 97 7.87 -23.84 -15.60
CA THR A 97 9.30 -23.52 -15.82
C THR A 97 9.84 -22.72 -14.62
N ALA A 98 8.95 -22.26 -13.74
CA ALA A 98 9.28 -21.32 -12.64
C ALA A 98 10.21 -22.01 -11.64
N PRO A 99 11.11 -21.23 -11.00
CA PRO A 99 11.79 -21.69 -9.78
C PRO A 99 10.72 -21.93 -8.70
N PHE A 100 11.10 -22.60 -7.62
CA PHE A 100 10.15 -22.92 -6.53
C PHE A 100 10.91 -23.03 -5.20
N LEU A 101 10.21 -22.70 -4.11
CA LEU A 101 10.68 -22.95 -2.72
C LEU A 101 10.40 -24.41 -2.38
N LEU A 102 11.41 -25.14 -1.93
CA LEU A 102 11.22 -26.40 -1.17
C LEU A 102 10.88 -26.00 0.27
N ASP A 103 9.65 -26.25 0.70
CA ASP A 103 9.07 -25.62 1.92
C ASP A 103 8.38 -26.69 2.77
N SER A 104 8.64 -26.66 4.07
CA SER A 104 7.92 -27.47 5.09
C SER A 104 8.11 -26.82 6.47
N ILE A 105 7.13 -26.98 7.35
CA ILE A 105 7.24 -26.58 8.79
C ILE A 105 8.35 -27.43 9.42
N SER A 106 8.46 -28.70 9.00
CA SER A 106 9.36 -29.73 9.56
C SER A 106 10.65 -29.81 8.74
N PRO A 107 11.83 -29.48 9.34
CA PRO A 107 13.11 -29.59 8.65
C PRO A 107 13.40 -30.99 8.06
N ASP A 108 13.03 -32.06 8.78
CA ASP A 108 13.35 -33.45 8.35
C ASP A 108 12.57 -33.77 7.07
N VAL A 109 11.42 -33.14 6.83
CA VAL A 109 10.62 -33.28 5.58
C VAL A 109 11.40 -32.67 4.41
N ARG A 110 11.97 -31.48 4.60
CA ARG A 110 12.80 -30.78 3.57
C ARG A 110 14.05 -31.62 3.28
N VAL A 111 14.73 -32.10 4.32
CA VAL A 111 15.99 -32.90 4.22
C VAL A 111 15.71 -34.20 3.48
N GLY A 112 14.64 -34.92 3.85
CA GLY A 112 14.27 -36.21 3.23
C GLY A 112 13.94 -36.03 1.76
N ALA A 113 13.19 -34.98 1.42
CA ALA A 113 12.81 -34.63 0.03
C ALA A 113 14.05 -34.37 -0.81
N LEU A 114 15.04 -33.64 -0.28
CA LEU A 114 16.32 -33.33 -0.98
C LEU A 114 17.06 -34.63 -1.32
N LYS A 115 17.10 -35.60 -0.41
CA LYS A 115 17.78 -36.90 -0.63
C LYS A 115 17.13 -37.59 -1.84
N ASN A 116 15.81 -37.52 -1.96
CA ASN A 116 15.01 -38.11 -3.06
C ASN A 116 15.30 -37.37 -4.37
N LEU A 117 15.30 -36.04 -4.34
CA LEU A 117 15.44 -35.19 -5.56
C LEU A 117 16.89 -35.19 -6.05
N GLY A 118 17.85 -35.34 -5.13
CA GLY A 118 19.28 -35.59 -5.45
C GLY A 118 19.95 -34.38 -6.07
N LYS A 119 21.24 -34.51 -6.43
CA LYS A 119 22.05 -33.42 -7.03
C LYS A 119 21.75 -33.37 -8.55
N ASP A 120 20.49 -33.17 -8.89
CA ASP A 120 19.98 -32.99 -10.27
C ASP A 120 20.31 -31.55 -10.68
N PRO A 121 21.01 -31.33 -11.83
CA PRO A 121 21.28 -29.97 -12.29
C PRO A 121 20.03 -29.07 -12.32
N GLU A 122 18.85 -29.63 -12.64
CA GLU A 122 17.59 -28.85 -12.67
C GLU A 122 17.22 -28.39 -11.26
N ILE A 123 17.37 -29.26 -10.26
CA ILE A 123 17.17 -28.94 -8.82
C ILE A 123 18.09 -27.76 -8.45
N GLN A 124 19.37 -27.81 -8.84
CA GLN A 124 20.36 -26.74 -8.52
C GLN A 124 19.87 -25.40 -9.08
N LYS A 125 19.28 -25.42 -10.28
CA LYS A 125 18.89 -24.19 -11.03
C LYS A 125 17.56 -23.64 -10.50
N ARG A 126 16.60 -24.51 -10.13
CA ARG A 126 15.20 -24.11 -9.90
C ARG A 126 14.76 -24.23 -8.43
N LEU A 127 15.38 -25.11 -7.64
CA LEU A 127 14.95 -25.34 -6.23
C LEU A 127 15.65 -24.32 -5.32
N ILE A 128 14.85 -23.52 -4.61
CA ILE A 128 15.31 -22.56 -3.57
C ILE A 128 14.96 -23.15 -2.22
N TYR A 129 15.95 -23.34 -1.33
CA TYR A 129 15.73 -23.93 0.00
C TYR A 129 15.01 -22.93 0.91
N ASN A 130 13.85 -23.32 1.45
CA ASN A 130 13.06 -22.48 2.40
C ASN A 130 12.90 -23.24 3.72
N SER A 131 13.76 -22.97 4.69
CA SER A 131 14.71 -21.85 4.69
C SER A 131 15.89 -22.21 5.59
N ILE A 132 16.98 -21.45 5.48
CA ILE A 132 18.05 -21.46 6.51
C ILE A 132 17.60 -20.52 7.64
N GLU A 133 17.31 -21.13 8.80
CA GLU A 133 16.67 -20.49 9.97
C GLU A 133 17.62 -20.62 11.16
N GLU A 134 17.38 -19.84 12.20
CA GLU A 134 18.17 -19.76 13.46
C GLU A 134 18.55 -21.16 13.96
N HIS A 135 17.64 -22.14 13.89
CA HIS A 135 17.80 -23.50 14.47
C HIS A 135 18.26 -24.50 13.40
N TYR A 136 18.96 -24.05 12.35
CA TYR A 136 19.55 -24.92 11.30
C TYR A 136 20.43 -25.98 11.97
N THR A 137 20.47 -27.18 11.38
CA THR A 137 21.26 -28.34 11.85
C THR A 137 22.35 -28.64 10.84
N GLU A 138 23.41 -29.35 11.26
CA GLU A 138 24.53 -29.76 10.37
C GLU A 138 24.00 -30.75 9.31
N GLU A 139 23.07 -31.63 9.68
CA GLU A 139 22.49 -32.62 8.73
C GLU A 139 21.70 -31.86 7.64
N GLU A 140 21.09 -30.73 8.01
CA GLU A 140 20.36 -29.85 7.06
C GLU A 140 21.36 -29.24 6.06
N LEU A 141 22.47 -28.68 6.54
CA LEU A 141 23.51 -28.06 5.67
C LEU A 141 24.13 -29.13 4.77
N ALA A 142 24.36 -30.34 5.31
CA ALA A 142 24.89 -31.51 4.58
C ALA A 142 23.95 -31.88 3.43
N ALA A 143 22.63 -31.93 3.70
CA ALA A 143 21.59 -32.28 2.71
C ALA A 143 21.57 -31.24 1.58
N ILE A 144 21.65 -29.95 1.93
CA ILE A 144 21.68 -28.82 0.96
C ILE A 144 22.92 -28.95 0.07
N LYS A 145 24.09 -29.16 0.68
CA LYS A 145 25.38 -29.28 -0.02
C LYS A 145 25.36 -30.50 -0.95
N GLU A 146 24.84 -31.63 -0.48
CA GLU A 146 24.80 -32.90 -1.26
C GLU A 146 23.86 -32.76 -2.46
N ALA A 147 22.82 -31.93 -2.35
CA ALA A 147 21.85 -31.63 -3.44
C ALA A 147 22.42 -30.55 -4.37
N GLY A 148 23.49 -29.86 -3.95
CA GLY A 148 24.20 -28.85 -4.75
C GLY A 148 23.35 -27.60 -4.99
N LEU A 149 22.51 -27.22 -4.03
CA LEU A 149 21.63 -26.03 -4.15
C LEU A 149 22.50 -24.77 -4.11
N LYS A 150 22.09 -23.72 -4.83
CA LYS A 150 22.86 -22.46 -4.96
C LYS A 150 22.08 -21.28 -4.40
N THR A 151 20.75 -21.39 -4.27
CA THR A 151 19.88 -20.31 -3.74
C THR A 151 19.06 -20.83 -2.57
N ALA A 152 19.02 -20.05 -1.48
CA ALA A 152 18.22 -20.34 -0.29
C ALA A 152 17.54 -19.05 0.18
N VAL A 153 16.35 -19.20 0.77
CA VAL A 153 15.74 -18.16 1.64
C VAL A 153 16.49 -18.20 2.97
N ILE A 154 16.98 -17.05 3.42
CA ILE A 154 17.56 -16.87 4.77
C ILE A 154 16.47 -16.24 5.65
N LEU A 155 15.86 -17.04 6.52
CA LEU A 155 14.82 -16.54 7.46
C LEU A 155 15.55 -15.83 8.60
N ALA A 156 15.87 -14.56 8.39
CA ALA A 156 16.66 -13.70 9.31
C ALA A 156 15.71 -13.21 10.41
N PHE A 157 15.11 -14.17 11.12
CA PHE A 157 14.15 -13.95 12.22
C PHE A 157 14.65 -14.68 13.46
N SER A 158 14.63 -13.99 14.60
CA SER A 158 14.87 -14.58 15.94
C SER A 158 13.99 -13.84 16.94
N LYS A 159 13.22 -14.59 17.74
CA LYS A 159 12.33 -14.03 18.78
C LYS A 159 13.21 -13.41 19.86
N LYS A 160 14.45 -13.06 19.51
CA LYS A 160 15.41 -12.27 20.33
C LYS A 160 16.38 -11.48 19.43
N ALA A 161 15.96 -11.14 18.20
CA ALA A 161 16.56 -10.12 17.32
C ALA A 161 15.41 -9.32 16.68
N LEU A 162 14.47 -8.86 17.51
CA LEU A 162 13.18 -8.27 17.07
C LEU A 162 13.41 -6.93 16.37
N LYS A 163 14.39 -6.13 16.83
CA LYS A 163 14.74 -4.82 16.20
C LYS A 163 15.31 -5.09 14.81
N PRO A 164 14.89 -4.32 13.78
CA PRO A 164 15.43 -4.46 12.42
C PRO A 164 16.97 -4.53 12.35
N ASN A 165 17.67 -3.65 13.07
CA ASN A 165 19.15 -3.53 13.07
C ASN A 165 19.80 -4.86 13.49
N ALA A 166 19.11 -5.68 14.29
CA ALA A 166 19.63 -6.94 14.86
C ALA A 166 19.75 -8.03 13.77
N ARG A 167 19.17 -7.81 12.58
CA ARG A 167 19.32 -8.74 11.43
C ARG A 167 20.78 -8.75 10.94
N ILE A 168 21.51 -7.64 11.14
CA ILE A 168 22.96 -7.56 10.82
C ILE A 168 23.66 -8.66 11.62
N ASP A 169 23.35 -8.80 12.91
CA ASP A 169 23.93 -9.82 13.83
C ASP A 169 23.53 -11.23 13.37
N LEU A 170 22.24 -11.44 13.07
CA LEU A 170 21.70 -12.76 12.62
C LEU A 170 22.45 -13.24 11.37
N LEU A 171 22.61 -12.35 10.38
CA LEU A 171 23.21 -12.69 9.07
C LEU A 171 24.73 -12.84 9.19
N GLN A 172 25.40 -11.90 9.84
CA GLN A 172 26.88 -11.81 9.87
C GLN A 172 27.44 -12.69 11.00
N GLY A 173 26.62 -12.99 12.01
CA GLY A 173 27.04 -13.69 13.24
C GLY A 173 27.38 -12.70 14.32
N LYS A 174 27.51 -13.17 15.56
CA LYS A 174 27.86 -12.34 16.74
C LYS A 174 28.38 -13.25 17.85
N ASP A 175 29.43 -12.83 18.55
CA ASP A 175 30.04 -13.57 19.67
C ASP A 175 30.45 -14.96 19.15
N ASP A 176 29.88 -16.04 19.72
CA ASP A 176 30.25 -17.45 19.41
C ASP A 176 29.31 -18.02 18.35
N LYS A 177 28.31 -17.24 17.90
CA LYS A 177 27.22 -17.73 17.02
C LYS A 177 27.58 -17.43 15.56
N GLU A 178 27.72 -18.48 14.75
CA GLU A 178 27.87 -18.42 13.28
C GLU A 178 26.68 -17.66 12.69
N GLY A 179 26.93 -16.73 11.77
CA GLY A 179 25.88 -16.01 11.04
C GLY A 179 25.14 -16.94 10.09
N LEU A 180 23.91 -16.61 9.73
CA LEU A 180 23.08 -17.44 8.81
C LEU A 180 23.70 -17.44 7.41
N ILE A 181 24.35 -16.34 6.99
CA ILE A 181 25.02 -16.25 5.66
C ILE A 181 26.20 -17.23 5.65
N ALA A 182 27.03 -17.22 6.70
CA ALA A 182 28.19 -18.14 6.87
C ALA A 182 27.69 -19.59 6.80
N ALA A 183 26.63 -19.92 7.54
CA ALA A 183 26.00 -21.27 7.58
C ALA A 183 25.57 -21.68 6.17
N ALA A 184 24.87 -20.80 5.46
CA ALA A 184 24.40 -20.99 4.07
C ALA A 184 25.60 -21.25 3.15
N LYS A 185 26.65 -20.44 3.28
CA LYS A 185 27.88 -20.54 2.44
C LYS A 185 28.58 -21.88 2.68
N ARG A 186 28.58 -22.37 3.92
CA ARG A 186 29.17 -23.70 4.28
C ARG A 186 28.40 -24.81 3.55
N ALA A 187 27.11 -24.63 3.32
CA ALA A 187 26.23 -25.57 2.58
C ALA A 187 26.34 -25.34 1.07
N GLY A 188 27.16 -24.37 0.64
CA GLY A 188 27.47 -24.10 -0.78
C GLY A 188 26.48 -23.13 -1.42
N ILE A 189 25.58 -22.53 -0.64
CA ILE A 189 24.62 -21.50 -1.14
C ILE A 189 25.43 -20.28 -1.58
N GLU A 190 25.11 -19.70 -2.74
CA GLU A 190 25.80 -18.53 -3.32
C GLU A 190 24.83 -17.33 -3.42
N GLN A 191 23.53 -17.57 -3.36
CA GLN A 191 22.49 -16.52 -3.52
C GLN A 191 21.52 -16.59 -2.33
N PHE A 192 21.32 -15.44 -1.67
CA PHE A 192 20.62 -15.31 -0.37
C PHE A 192 19.41 -14.39 -0.53
N LEU A 193 18.20 -14.96 -0.48
CA LEU A 193 16.93 -14.20 -0.42
C LEU A 193 16.57 -13.99 1.05
N VAL A 194 16.66 -12.77 1.55
CA VAL A 194 16.56 -12.51 3.01
C VAL A 194 15.10 -12.20 3.34
N ASP A 195 14.53 -13.04 4.21
CA ASP A 195 13.14 -12.92 4.75
C ASP A 195 13.25 -12.69 6.26
N PRO A 196 13.08 -11.45 6.75
CA PRO A 196 13.18 -11.17 8.18
C PRO A 196 12.05 -11.73 9.06
N GLY A 197 11.02 -12.33 8.47
CA GLY A 197 9.91 -12.99 9.20
C GLY A 197 8.82 -11.99 9.57
N VAL A 198 7.57 -12.48 9.67
CA VAL A 198 6.37 -11.69 10.06
C VAL A 198 5.70 -12.41 11.23
N LEU A 199 5.40 -11.68 12.31
CA LEU A 199 4.77 -12.24 13.55
C LEU A 199 3.25 -12.08 13.46
N ASP A 200 2.79 -10.89 13.08
CA ASP A 200 1.36 -10.53 12.91
C ASP A 200 1.28 -9.40 11.88
N VAL A 201 0.09 -8.95 11.52
CA VAL A 201 -0.10 -7.94 10.44
C VAL A 201 0.64 -6.65 10.82
N ALA A 202 0.40 -6.11 12.01
CA ALA A 202 0.97 -4.81 12.46
C ALA A 202 2.49 -4.84 12.36
N SER A 203 3.13 -5.97 12.71
CA SER A 203 4.61 -6.11 12.78
C SER A 203 5.24 -6.19 11.39
N ASN A 204 4.43 -6.26 10.33
CA ASN A 204 4.88 -6.18 8.92
C ASN A 204 5.75 -4.91 8.73
N SER A 205 5.47 -3.84 9.47
CA SER A 205 6.26 -2.58 9.38
C SER A 205 7.69 -2.78 9.89
N TRP A 206 7.88 -3.60 10.95
CA TRP A 206 9.22 -3.95 11.49
C TRP A 206 9.95 -4.86 10.50
N THR A 207 9.24 -5.84 9.94
CA THR A 207 9.73 -6.74 8.86
C THR A 207 10.30 -5.89 7.72
N THR A 208 9.57 -4.88 7.27
CA THR A 208 9.92 -4.04 6.10
C THR A 208 11.14 -3.16 6.44
N GLU A 209 11.22 -2.65 7.68
CA GLU A 209 12.39 -1.89 8.17
C GLU A 209 13.62 -2.80 8.16
N ALA A 210 13.46 -4.08 8.55
CA ALA A 210 14.55 -5.09 8.54
C ALA A 210 15.01 -5.32 7.09
N ILE A 211 14.07 -5.42 6.15
CA ILE A 211 14.37 -5.52 4.69
C ILE A 211 15.22 -4.30 4.29
N ASN A 212 14.81 -3.11 4.72
CA ASN A 212 15.51 -1.83 4.38
C ASN A 212 16.95 -1.87 4.91
N VAL A 213 17.15 -2.32 6.16
CA VAL A 213 18.50 -2.44 6.78
C VAL A 213 19.35 -3.39 5.91
N VAL A 214 18.81 -4.54 5.54
CA VAL A 214 19.54 -5.61 4.80
C VAL A 214 19.95 -5.07 3.42
N LYS A 215 19.03 -4.42 2.70
CA LYS A 215 19.30 -3.86 1.35
C LYS A 215 20.29 -2.70 1.47
N GLU A 216 20.12 -1.83 2.47
CA GLU A 216 20.98 -0.63 2.69
C GLU A 216 22.44 -1.06 2.91
N GLN A 217 22.66 -2.12 3.70
CA GLN A 217 24.02 -2.47 4.22
C GLN A 217 24.64 -3.64 3.46
N PHE A 218 23.86 -4.59 2.94
CA PHE A 218 24.38 -5.81 2.29
C PHE A 218 23.95 -5.91 0.82
N GLY A 219 22.79 -5.37 0.47
CA GLY A 219 22.27 -5.38 -0.91
C GLY A 219 21.65 -6.72 -1.29
N TYR A 220 21.43 -7.63 -0.33
CA TYR A 220 20.70 -8.91 -0.58
C TYR A 220 19.24 -8.57 -0.90
N PRO A 221 18.60 -9.30 -1.83
CA PRO A 221 17.17 -9.13 -2.07
C PRO A 221 16.39 -9.43 -0.78
N GLY A 222 15.40 -8.58 -0.48
CA GLY A 222 14.59 -8.64 0.74
C GLY A 222 13.12 -8.85 0.43
N GLY A 223 12.45 -9.69 1.21
CA GLY A 223 11.02 -9.96 1.06
C GLY A 223 10.47 -10.56 2.34
N CYS A 224 9.17 -10.88 2.37
CA CYS A 224 8.52 -11.44 3.57
C CYS A 224 7.27 -12.21 3.17
N ALA A 225 6.66 -12.86 4.16
CA ALA A 225 5.55 -13.83 4.03
C ALA A 225 4.44 -13.45 5.00
N PRO A 226 3.68 -12.37 4.72
CA PRO A 226 2.63 -11.91 5.62
C PRO A 226 1.29 -12.67 5.57
N SER A 227 1.18 -13.73 4.76
CA SER A 227 -0.10 -14.42 4.46
C SER A 227 -0.67 -15.09 5.72
N ALA A 228 0.16 -15.78 6.50
CA ALA A 228 -0.26 -16.50 7.73
C ALA A 228 -0.93 -15.51 8.69
N ALA A 229 -0.33 -14.33 8.88
CA ALA A 229 -0.84 -13.23 9.74
C ALA A 229 -2.19 -12.73 9.20
N VAL A 230 -2.31 -12.58 7.88
CA VAL A 230 -3.54 -12.10 7.20
C VAL A 230 -4.66 -13.13 7.42
N TYR A 231 -4.34 -14.42 7.30
CA TYR A 231 -5.34 -15.54 7.40
C TYR A 231 -5.74 -15.78 8.86
N LEU A 232 -4.93 -15.35 9.82
CA LEU A 232 -5.27 -15.40 11.27
C LEU A 232 -6.16 -14.22 11.66
N TRP A 233 -6.36 -13.27 10.75
CA TRP A 233 -7.20 -12.06 10.95
C TRP A 233 -8.66 -12.39 10.60
N LYS A 234 -9.33 -13.18 11.45
CA LYS A 234 -10.69 -13.74 11.19
C LYS A 234 -11.70 -12.59 11.06
N LYS A 235 -11.53 -11.52 11.84
CA LYS A 235 -12.40 -10.31 11.81
C LYS A 235 -12.50 -9.76 10.39
N MET A 236 -11.40 -9.81 9.62
CA MET A 236 -11.37 -9.35 8.20
C MET A 236 -11.81 -10.47 7.26
N ARG A 237 -11.26 -11.69 7.42
CA ARG A 237 -11.48 -12.79 6.44
C ARG A 237 -12.96 -13.14 6.37
N SER A 238 -13.66 -13.11 7.52
CA SER A 238 -15.09 -13.48 7.62
C SER A 238 -15.98 -12.41 6.96
N LYS A 239 -15.44 -11.22 6.67
CA LYS A 239 -16.19 -10.11 6.02
C LYS A 239 -16.45 -10.40 4.54
N GLY A 240 -15.66 -11.31 3.93
CA GLY A 240 -15.81 -11.70 2.52
C GLY A 240 -15.35 -10.61 1.57
N THR A 241 -15.81 -10.68 0.32
CA THR A 241 -15.36 -9.83 -0.82
C THR A 241 -16.11 -8.49 -0.77
N PRO A 242 -15.45 -7.33 -1.03
CA PRO A 242 -14.01 -7.25 -1.33
C PRO A 242 -13.11 -6.88 -0.14
N PHE A 243 -13.62 -7.03 1.08
CA PHE A 243 -13.01 -6.51 2.34
C PHE A 243 -11.72 -7.25 2.65
N PHE A 244 -11.77 -8.59 2.59
CA PHE A 244 -10.59 -9.46 2.82
C PHE A 244 -9.50 -9.10 1.80
N GLU A 245 -9.88 -8.94 0.52
CA GLU A 245 -8.94 -8.72 -0.61
C GLU A 245 -8.24 -7.37 -0.44
N VAL A 246 -8.96 -6.29 -0.13
CA VAL A 246 -8.36 -4.92 -0.03
C VAL A 246 -7.48 -4.87 1.24
N ALA A 247 -7.89 -5.54 2.32
CA ALA A 247 -7.08 -5.67 3.56
C ALA A 247 -5.78 -6.41 3.24
N GLY A 248 -5.90 -7.59 2.62
CA GLY A 248 -4.75 -8.37 2.11
C GLY A 248 -3.86 -7.53 1.23
N ALA A 249 -4.44 -6.78 0.28
CA ALA A 249 -3.72 -5.91 -0.68
C ALA A 249 -2.88 -4.90 0.11
N ALA A 250 -3.46 -4.24 1.11
CA ALA A 250 -2.76 -3.25 1.97
C ALA A 250 -1.56 -3.90 2.63
N VAL A 251 -1.70 -5.14 3.13
CA VAL A 251 -0.62 -5.86 3.85
C VAL A 251 0.48 -6.26 2.84
N PHE A 252 0.11 -6.88 1.72
CA PHE A 252 1.05 -7.46 0.74
C PHE A 252 1.82 -6.36 -0.01
N THR A 253 1.19 -5.20 -0.28
CA THR A 253 1.82 -4.08 -1.02
C THR A 253 2.76 -3.29 -0.10
N TYR A 254 2.52 -3.28 1.21
CA TYR A 254 3.21 -2.37 2.15
C TYR A 254 4.73 -2.52 2.03
N PRO A 255 5.29 -3.75 2.11
CA PRO A 255 6.76 -3.92 2.01
C PRO A 255 7.32 -3.39 0.69
N ILE A 256 6.54 -3.54 -0.40
CA ILE A 256 6.93 -3.10 -1.77
C ILE A 256 7.05 -1.56 -1.77
N THR A 257 6.16 -0.86 -1.05
CA THR A 257 6.15 0.62 -0.99
C THR A 257 7.41 1.13 -0.28
N GLN A 258 8.09 0.27 0.50
CA GLN A 258 9.32 0.62 1.26
C GLN A 258 10.56 -0.04 0.63
N GLY A 259 10.41 -0.68 -0.54
CA GLY A 259 11.53 -1.11 -1.40
C GLY A 259 11.81 -2.61 -1.38
N ALA A 260 10.91 -3.44 -0.85
CA ALA A 260 11.08 -4.91 -0.82
C ALA A 260 11.01 -5.49 -2.24
N ASP A 261 11.56 -6.68 -2.43
CA ASP A 261 11.85 -7.30 -3.75
C ASP A 261 10.90 -8.46 -4.06
N PHE A 262 10.41 -9.16 -3.03
CA PHE A 262 9.51 -10.33 -3.22
C PHE A 262 8.52 -10.42 -2.05
N ILE A 263 7.37 -11.04 -2.34
CA ILE A 263 6.29 -11.31 -1.36
C ILE A 263 5.85 -12.77 -1.52
N LEU A 264 5.85 -13.53 -0.42
CA LEU A 264 5.08 -14.79 -0.29
C LEU A 264 3.66 -14.39 0.09
N TYR A 265 2.72 -14.45 -0.86
CA TYR A 265 1.37 -13.86 -0.73
C TYR A 265 0.36 -14.92 -0.26
N GLY A 266 0.82 -16.14 0.01
CA GLY A 266 -0.02 -17.25 0.54
C GLY A 266 -0.66 -18.06 -0.57
N PRO A 267 -1.82 -18.72 -0.32
CA PRO A 267 -2.47 -19.56 -1.31
C PRO A 267 -2.55 -18.95 -2.71
N MET A 268 -2.13 -19.73 -3.72
CA MET A 268 -2.11 -19.35 -5.16
C MET A 268 -3.52 -18.94 -5.63
N MET A 269 -4.59 -19.45 -5.01
CA MET A 269 -5.99 -19.14 -5.43
C MET A 269 -6.22 -17.61 -5.36
N ASN A 270 -5.41 -16.89 -4.57
CA ASN A 270 -5.55 -15.42 -4.36
C ASN A 270 -4.77 -14.64 -5.43
N ALA A 271 -3.99 -15.32 -6.28
CA ALA A 271 -3.12 -14.70 -7.31
C ALA A 271 -3.87 -13.65 -8.13
N PRO A 272 -5.10 -13.93 -8.63
CA PRO A 272 -5.81 -12.95 -9.47
C PRO A 272 -5.90 -11.55 -8.88
N TRP A 273 -6.18 -11.39 -7.58
CA TRP A 273 -6.28 -10.04 -6.96
C TRP A 273 -4.91 -9.58 -6.44
N VAL A 274 -4.06 -10.49 -5.96
CA VAL A 274 -2.70 -10.12 -5.44
C VAL A 274 -1.88 -9.50 -6.58
N TYR A 275 -1.86 -10.11 -7.77
CA TYR A 275 -1.06 -9.60 -8.93
C TYR A 275 -1.53 -8.19 -9.29
N ARG A 276 -2.84 -7.95 -9.31
CA ARG A 276 -3.43 -6.65 -9.74
C ARG A 276 -3.05 -5.56 -8.73
N ALA A 277 -3.08 -5.87 -7.43
CA ALA A 277 -2.69 -4.94 -6.35
C ALA A 277 -1.18 -4.65 -6.41
N ILE A 278 -0.35 -5.69 -6.45
CA ILE A 278 1.14 -5.57 -6.44
C ILE A 278 1.61 -4.84 -7.70
N ALA A 279 1.05 -5.19 -8.86
CA ALA A 279 1.37 -4.55 -10.17
C ALA A 279 1.13 -3.04 -10.06
N THR A 280 0.04 -2.63 -9.42
CA THR A 280 -0.36 -1.21 -9.26
C THR A 280 0.73 -0.48 -8.46
N THR A 281 1.15 -1.04 -7.33
CA THR A 281 2.22 -0.47 -6.47
C THR A 281 3.52 -0.38 -7.27
N ASP A 282 3.92 -1.46 -7.94
CA ASP A 282 5.16 -1.52 -8.77
C ASP A 282 5.14 -0.39 -9.80
N ALA A 283 4.00 -0.20 -10.48
CA ALA A 283 3.81 0.80 -11.55
C ALA A 283 4.07 2.20 -10.99
N MET A 284 3.47 2.55 -9.84
CA MET A 284 3.59 3.88 -9.23
C MET A 284 5.04 4.11 -8.81
N ILE A 285 5.68 3.11 -8.22
CA ILE A 285 7.10 3.20 -7.74
C ILE A 285 8.02 3.47 -8.94
N ALA A 286 7.88 2.70 -10.02
CA ALA A 286 8.75 2.79 -11.22
C ALA A 286 8.55 4.15 -11.92
N TYR A 287 7.36 4.75 -11.82
CA TYR A 287 7.06 6.07 -12.41
C TYR A 287 7.91 7.14 -11.71
N ASN A 288 8.29 6.89 -10.45
CA ASN A 288 9.17 7.77 -9.65
C ASN A 288 10.62 7.72 -10.19
N ASN A 289 10.99 6.65 -10.91
CA ASN A 289 12.30 6.52 -11.60
C ASN A 289 12.57 7.75 -12.46
N LYS A 290 11.52 8.30 -13.08
CA LYS A 290 11.57 9.47 -14.01
C LYS A 290 12.15 10.70 -13.27
N LEU A 291 12.07 10.72 -11.94
CA LEU A 291 12.57 11.83 -11.09
C LEU A 291 13.94 11.46 -10.47
N THR A 292 14.16 10.17 -10.17
CA THR A 292 15.36 9.67 -9.43
C THR A 292 16.49 9.31 -10.39
N GLY A 293 16.18 8.96 -11.64
CA GLY A 293 17.16 8.53 -12.66
C GLY A 293 17.43 7.04 -12.63
N VAL A 294 16.86 6.31 -11.66
CA VAL A 294 16.88 4.82 -11.62
C VAL A 294 16.33 4.33 -12.96
N LYS A 295 17.01 3.40 -13.62
CA LYS A 295 16.59 2.82 -14.92
C LYS A 295 15.99 1.43 -14.66
N MET A 296 14.79 1.17 -15.21
CA MET A 296 14.16 -0.17 -15.19
C MET A 296 15.12 -1.17 -15.83
N GLY A 297 15.31 -2.33 -15.20
CA GLY A 297 16.23 -3.39 -15.68
C GLY A 297 15.58 -4.28 -16.72
N THR A 298 14.27 -4.12 -16.93
CA THR A 298 13.47 -4.92 -17.90
C THR A 298 12.30 -4.07 -18.41
N THR A 299 11.90 -4.31 -19.66
CA THR A 299 10.68 -3.72 -20.30
C THR A 299 9.45 -4.52 -19.86
N GLU A 300 9.64 -5.73 -19.33
CA GLU A 300 8.55 -6.57 -18.75
C GLU A 300 8.30 -6.08 -17.32
N HIS A 301 7.63 -4.93 -17.21
CA HIS A 301 7.35 -4.23 -15.93
C HIS A 301 5.91 -3.74 -15.92
N PRO A 302 5.18 -3.89 -14.79
CA PRO A 302 3.81 -3.40 -14.66
C PRO A 302 3.57 -1.99 -15.23
N LEU A 303 4.49 -1.05 -15.02
CA LEU A 303 4.33 0.36 -15.47
C LEU A 303 4.07 0.40 -16.98
N LEU A 304 4.66 -0.52 -17.75
CA LEU A 304 4.58 -0.53 -19.24
C LEU A 304 3.47 -1.48 -19.72
N LYS A 305 2.72 -2.10 -18.81
CA LYS A 305 1.84 -3.26 -19.15
C LYS A 305 0.38 -3.06 -18.69
N ILE A 306 0.14 -2.46 -17.51
CA ILE A 306 -1.19 -2.57 -16.83
C ILE A 306 -2.12 -1.41 -17.22
N PHE A 307 -1.66 -0.42 -17.99
CA PHE A 307 -2.45 0.78 -18.37
C PHE A 307 -2.82 0.73 -19.85
N PHE B 3 10.36 6.64 7.62
CA PHE B 3 10.01 8.08 7.44
C PHE B 3 9.84 8.76 8.80
N LYS B 4 10.51 9.90 8.96
CA LYS B 4 10.11 11.02 9.86
C LYS B 4 10.38 12.32 9.10
N PHE B 5 9.44 13.27 9.12
CA PHE B 5 9.53 14.52 8.32
C PHE B 5 10.35 15.56 9.09
N THR B 6 11.13 16.33 8.33
CA THR B 6 12.13 17.31 8.84
C THR B 6 11.43 18.42 9.63
N ALA B 7 10.42 19.06 9.04
CA ALA B 7 9.72 20.24 9.61
C ALA B 7 8.88 19.79 10.82
N GLN B 8 8.70 20.67 11.80
CA GLN B 8 7.68 20.47 12.86
C GLN B 8 6.32 20.45 12.16
N GLN B 9 5.56 19.36 12.30
CA GLN B 9 4.28 19.16 11.58
C GLN B 9 3.19 20.00 12.26
N HIS B 10 2.37 20.66 11.44
CA HIS B 10 1.08 21.28 11.84
C HIS B 10 0.05 20.16 11.98
N VAL B 11 -0.54 20.02 13.18
CA VAL B 11 -1.73 19.17 13.42
C VAL B 11 -2.90 20.11 13.67
N TYR B 12 -3.88 20.13 12.76
CA TYR B 12 -5.10 20.95 12.89
C TYR B 12 -6.19 20.15 13.59
N ASP B 13 -6.95 20.82 14.46
CA ASP B 13 -8.19 20.31 15.06
C ASP B 13 -9.36 21.00 14.34
N ILE B 14 -9.89 20.36 13.30
CA ILE B 14 -11.02 20.90 12.49
C ILE B 14 -12.31 20.33 13.10
N ASN B 15 -12.90 21.09 14.03
CA ASN B 15 -14.13 20.72 14.79
C ASN B 15 -14.01 19.27 15.27
N GLY B 16 -12.88 18.91 15.90
CA GLY B 16 -12.67 17.62 16.58
C GLY B 16 -11.92 16.61 15.72
N VAL B 17 -11.77 16.85 14.42
CA VAL B 17 -10.99 15.96 13.49
C VAL B 17 -9.53 16.42 13.51
N LYS B 18 -8.64 15.56 14.02
CA LYS B 18 -7.17 15.78 14.00
C LYS B 18 -6.65 15.38 12.61
N VAL B 19 -5.92 16.27 11.94
CA VAL B 19 -5.30 15.98 10.62
C VAL B 19 -3.87 16.53 10.62
N GLY B 20 -2.92 15.72 10.14
CA GLY B 20 -1.50 16.09 10.01
C GLY B 20 -0.65 15.29 10.98
N GLY B 21 0.60 15.73 11.17
CA GLY B 21 1.55 15.13 12.13
C GLY B 21 2.54 14.21 11.43
N GLN B 22 3.40 13.58 12.22
CA GLN B 22 4.43 12.62 11.72
C GLN B 22 3.73 11.30 11.39
N PRO B 23 4.34 10.43 10.55
CA PRO B 23 3.73 9.13 10.25
C PRO B 23 3.46 8.32 11.53
N GLY B 24 2.21 7.89 11.73
CA GLY B 24 1.79 7.03 12.85
C GLY B 24 1.31 7.82 14.06
N GLU B 25 1.35 9.15 14.00
CA GLU B 25 0.91 10.04 15.11
C GLU B 25 -0.62 10.05 15.15
N TYR B 26 -1.27 10.32 14.00
CA TYR B 26 -2.74 10.38 13.86
C TYR B 26 -3.19 9.48 12.72
N PRO B 27 -4.37 8.85 12.83
CA PRO B 27 -4.89 8.03 11.75
C PRO B 27 -5.19 8.89 10.52
N THR B 28 -5.21 8.27 9.34
CA THR B 28 -5.59 8.91 8.06
C THR B 28 -7.02 9.46 8.18
N VAL B 29 -7.22 10.70 7.78
CA VAL B 29 -8.57 11.32 7.63
C VAL B 29 -9.11 10.90 6.27
N LEU B 30 -10.29 10.29 6.23
CA LEU B 30 -10.90 9.79 4.98
C LEU B 30 -12.06 10.73 4.57
N ILE B 31 -12.05 11.12 3.31
CA ILE B 31 -12.95 12.18 2.76
C ILE B 31 -13.74 11.57 1.59
N GLY B 32 -15.00 11.23 1.85
CA GLY B 32 -15.92 10.61 0.87
C GLY B 32 -16.76 11.65 0.16
N SER B 33 -17.02 11.45 -1.13
CA SER B 33 -17.77 12.40 -1.99
C SER B 33 -19.27 12.08 -1.95
N ILE B 34 -20.09 13.12 -1.86
CA ILE B 34 -21.58 13.02 -1.86
C ILE B 34 -22.12 14.11 -2.80
N PHE B 35 -23.15 13.77 -3.57
CA PHE B 35 -23.82 14.64 -4.57
C PHE B 35 -22.87 14.96 -5.73
N TYR B 36 -21.84 14.14 -5.95
CA TYR B 36 -20.94 14.17 -7.13
C TYR B 36 -21.79 13.97 -8.39
N ARG B 37 -21.26 14.38 -9.55
CA ARG B 37 -21.93 14.22 -10.87
C ARG B 37 -22.29 12.73 -11.05
N GLY B 38 -23.57 12.44 -11.28
CA GLY B 38 -24.08 11.09 -11.54
C GLY B 38 -24.39 10.33 -10.26
N HIS B 39 -24.29 10.95 -9.09
CA HIS B 39 -24.71 10.33 -7.80
C HIS B 39 -26.21 10.10 -7.87
N LYS B 40 -26.63 8.83 -7.86
CA LYS B 40 -28.01 8.41 -8.26
C LYS B 40 -29.03 8.79 -7.19
N ILE B 41 -28.60 9.18 -5.99
CA ILE B 41 -29.51 9.64 -4.90
C ILE B 41 -29.98 11.06 -5.19
N VAL B 42 -29.33 11.77 -6.12
CA VAL B 42 -29.73 13.14 -6.59
C VAL B 42 -30.70 12.96 -7.77
N SER B 43 -31.92 13.48 -7.63
CA SER B 43 -32.97 13.45 -8.69
C SER B 43 -32.89 14.71 -9.57
N ASP B 44 -32.39 15.82 -9.03
CA ASP B 44 -32.20 17.11 -9.75
C ASP B 44 -30.94 17.82 -9.24
N GLY B 45 -29.86 17.78 -10.03
CA GLY B 45 -28.54 18.34 -9.67
C GLY B 45 -28.50 19.85 -9.76
N GLN B 46 -29.45 20.46 -10.49
CA GLN B 46 -29.53 21.93 -10.66
C GLN B 46 -30.21 22.55 -9.44
N LYS B 47 -31.29 21.93 -8.94
CA LYS B 47 -32.09 22.42 -7.80
C LYS B 47 -31.57 21.84 -6.48
N GLY B 48 -30.78 20.76 -6.54
CA GLY B 48 -30.28 20.07 -5.34
C GLY B 48 -31.38 19.32 -4.64
N ILE B 49 -32.18 18.57 -5.42
CA ILE B 49 -33.23 17.64 -4.90
C ILE B 49 -32.62 16.24 -4.87
N PHE B 50 -32.69 15.58 -3.71
CA PHE B 50 -32.01 14.28 -3.45
C PHE B 50 -32.75 13.50 -2.37
N ASP B 51 -32.55 12.19 -2.34
CA ASP B 51 -33.10 11.26 -1.33
C ASP B 51 -32.37 11.50 -0.01
N LYS B 52 -33.02 12.21 0.93
CA LYS B 52 -32.42 12.62 2.22
C LYS B 52 -32.17 11.38 3.09
N ASP B 53 -33.05 10.38 3.05
CA ASP B 53 -32.87 9.10 3.79
C ASP B 53 -31.62 8.38 3.28
N ALA B 54 -31.41 8.32 1.97
CA ALA B 54 -30.24 7.68 1.33
C ALA B 54 -28.97 8.45 1.71
N ALA B 55 -29.01 9.78 1.66
CA ALA B 55 -27.88 10.66 2.05
C ALA B 55 -27.55 10.43 3.53
N LYS B 56 -28.57 10.40 4.38
CA LYS B 56 -28.41 10.16 5.85
C LYS B 56 -27.80 8.78 6.07
N ALA B 57 -28.27 7.75 5.34
CA ALA B 57 -27.76 6.36 5.41
C ALA B 57 -26.26 6.36 5.10
N LEU B 58 -25.81 7.12 4.10
CA LEU B 58 -24.36 7.25 3.75
C LEU B 58 -23.61 7.88 4.93
N LEU B 59 -24.15 8.96 5.49
CA LEU B 59 -23.52 9.70 6.63
C LEU B 59 -23.45 8.78 7.86
N ASP B 60 -24.52 8.01 8.14
CA ASP B 60 -24.57 7.04 9.26
C ASP B 60 -23.53 5.94 9.04
N GLN B 61 -23.43 5.40 7.82
CA GLN B 61 -22.43 4.37 7.46
C GLN B 61 -21.02 4.91 7.70
N GLU B 62 -20.74 6.14 7.27
CA GLU B 62 -19.43 6.80 7.45
C GLU B 62 -19.08 6.82 8.94
N ALA B 63 -20.02 7.25 9.78
CA ALA B 63 -19.87 7.35 11.25
C ALA B 63 -19.60 5.97 11.85
N GLU B 64 -20.30 4.94 11.38
CA GLU B 64 -20.14 3.53 11.85
C GLU B 64 -18.74 3.02 11.49
N LEU B 65 -18.31 3.24 10.24
CA LEU B 65 -16.97 2.80 9.76
C LEU B 65 -15.87 3.54 10.52
N SER B 66 -16.04 4.86 10.73
CA SER B 66 -15.11 5.72 11.51
C SER B 66 -14.99 5.18 12.94
N ALA B 67 -16.11 4.85 13.58
CA ALA B 67 -16.17 4.28 14.95
C ALA B 67 -15.44 2.93 15.00
N GLU B 68 -15.51 2.15 13.92
CA GLU B 68 -14.92 0.78 13.83
C GLU B 68 -13.39 0.86 13.73
N THR B 69 -12.86 1.73 12.86
CA THR B 69 -11.40 1.78 12.53
C THR B 69 -10.69 2.89 13.32
N GLY B 70 -11.39 3.96 13.69
CA GLY B 70 -10.79 5.15 14.31
C GLY B 70 -10.29 6.15 13.28
N ASN B 71 -10.52 5.90 11.99
CA ASN B 71 -10.23 6.87 10.90
C ASN B 71 -11.30 7.96 10.96
N PRO B 72 -10.94 9.23 11.27
CA PRO B 72 -11.92 10.32 11.27
C PRO B 72 -12.37 10.60 9.83
N PHE B 73 -13.51 11.25 9.66
CA PHE B 73 -14.05 11.59 8.32
C PHE B 73 -14.39 13.08 8.23
N ILE B 74 -14.16 13.60 7.03
CA ILE B 74 -14.61 14.93 6.52
C ILE B 74 -15.38 14.64 5.23
N ILE B 75 -16.58 15.20 5.09
CA ILE B 75 -17.47 14.91 3.93
C ILE B 75 -17.10 15.85 2.77
N ASP B 76 -16.83 15.29 1.58
CA ASP B 76 -16.63 16.08 0.34
C ASP B 76 -18.00 16.41 -0.26
N VAL B 77 -18.50 17.63 -0.05
CA VAL B 77 -19.85 18.06 -0.52
C VAL B 77 -19.69 18.74 -1.88
N LEU B 78 -20.15 18.07 -2.94
CA LEU B 78 -20.05 18.55 -4.34
C LEU B 78 -21.38 19.12 -4.80
N GLY B 79 -21.32 20.17 -5.62
CA GLY B 79 -22.50 20.80 -6.26
C GLY B 79 -22.14 21.38 -7.61
N GLU B 80 -23.10 21.40 -8.54
CA GLU B 80 -22.93 21.90 -9.93
C GLU B 80 -23.68 23.23 -10.09
N SER B 81 -24.36 23.70 -9.03
CA SER B 81 -25.09 25.00 -9.01
C SER B 81 -25.05 25.59 -7.59
N VAL B 82 -25.18 26.92 -7.49
CA VAL B 82 -25.24 27.65 -6.20
C VAL B 82 -26.44 27.13 -5.40
N GLU B 83 -27.61 27.05 -6.04
CA GLU B 83 -28.88 26.59 -5.40
C GLU B 83 -28.65 25.22 -4.76
N ALA B 84 -28.12 24.26 -5.53
CA ALA B 84 -27.92 22.86 -5.10
C ALA B 84 -26.89 22.79 -3.97
N LEU B 85 -25.71 23.38 -4.16
CA LEU B 85 -24.60 23.27 -3.18
C LEU B 85 -25.01 23.90 -1.85
N THR B 86 -25.79 24.99 -1.89
CA THR B 86 -26.31 25.67 -0.67
C THR B 86 -27.19 24.68 0.12
N LYS B 87 -28.11 23.99 -0.56
CA LYS B 87 -29.05 23.03 0.09
C LYS B 87 -28.24 21.84 0.64
N TYR B 88 -27.28 21.33 -0.12
CA TYR B 88 -26.41 20.19 0.28
C TYR B 88 -25.68 20.56 1.58
N VAL B 89 -25.09 21.75 1.64
CA VAL B 89 -24.34 22.25 2.83
C VAL B 89 -25.30 22.33 4.03
N GLU B 90 -26.49 22.92 3.83
CA GLU B 90 -27.55 23.04 4.87
C GLU B 90 -27.88 21.65 5.41
N PHE B 91 -28.08 20.66 4.52
CA PHE B 91 -28.40 19.26 4.88
C PHE B 91 -27.26 18.66 5.72
N ILE B 92 -26.02 18.82 5.26
CA ILE B 92 -24.81 18.21 5.89
C ILE B 92 -24.63 18.81 7.30
N LEU B 93 -24.81 20.12 7.45
CA LEU B 93 -24.70 20.83 8.76
C LEU B 93 -25.65 20.18 9.78
N GLU B 94 -26.86 19.80 9.36
CA GLU B 94 -27.96 19.36 10.26
C GLU B 94 -27.91 17.84 10.49
N ASN B 95 -27.28 17.07 9.59
CA ASN B 95 -27.43 15.59 9.55
C ASN B 95 -26.12 14.88 9.88
N THR B 96 -25.03 15.62 10.10
CA THR B 96 -23.77 15.08 10.67
C THR B 96 -23.12 16.17 11.51
N THR B 97 -22.15 15.79 12.34
CA THR B 97 -21.34 16.71 13.17
C THR B 97 -19.98 16.92 12.50
N ALA B 98 -19.69 16.19 11.42
CA ALA B 98 -18.37 16.14 10.77
C ALA B 98 -18.08 17.46 10.07
N PRO B 99 -16.79 17.84 9.93
CA PRO B 99 -16.41 18.92 9.04
C PRO B 99 -16.68 18.45 7.60
N PHE B 100 -16.68 19.37 6.64
CA PHE B 100 -16.97 19.04 5.23
C PHE B 100 -16.21 20.01 4.32
N LEU B 101 -15.91 19.53 3.10
CA LEU B 101 -15.37 20.37 2.01
C LEU B 101 -16.56 21.01 1.28
N LEU B 102 -16.53 22.33 1.12
CA LEU B 102 -17.37 23.05 0.13
C LEU B 102 -16.67 22.88 -1.23
N ASP B 103 -17.23 22.02 -2.08
CA ASP B 103 -16.53 21.54 -3.32
C ASP B 103 -17.41 21.80 -4.54
N SER B 104 -16.83 22.45 -5.55
CA SER B 104 -17.34 22.51 -6.94
C SER B 104 -16.16 22.66 -7.90
N ILE B 105 -16.30 22.10 -9.09
CA ILE B 105 -15.38 22.32 -10.24
C ILE B 105 -15.51 23.78 -10.70
N SER B 106 -16.67 24.40 -10.44
CA SER B 106 -16.99 25.81 -10.79
C SER B 106 -16.69 26.74 -9.61
N PRO B 107 -15.67 27.62 -9.70
CA PRO B 107 -15.41 28.61 -8.65
C PRO B 107 -16.63 29.50 -8.37
N ASP B 108 -17.40 29.88 -9.40
CA ASP B 108 -18.62 30.72 -9.28
C ASP B 108 -19.64 30.01 -8.38
N VAL B 109 -19.74 28.69 -8.47
CA VAL B 109 -20.68 27.86 -7.65
C VAL B 109 -20.21 27.90 -6.18
N ARG B 110 -18.92 27.70 -5.93
CA ARG B 110 -18.34 27.74 -4.55
C ARG B 110 -18.59 29.11 -3.92
N VAL B 111 -18.26 30.18 -4.64
CA VAL B 111 -18.37 31.57 -4.14
C VAL B 111 -19.84 31.90 -3.87
N GLY B 112 -20.73 31.60 -4.82
CA GLY B 112 -22.18 31.81 -4.69
C GLY B 112 -22.75 31.11 -3.46
N ALA B 113 -22.44 29.82 -3.28
CA ALA B 113 -22.90 29.01 -2.13
C ALA B 113 -22.39 29.65 -0.83
N LEU B 114 -21.10 29.99 -0.80
CA LEU B 114 -20.43 30.61 0.37
C LEU B 114 -21.14 31.91 0.75
N LYS B 115 -21.46 32.75 -0.23
CA LYS B 115 -22.20 34.04 -0.04
C LYS B 115 -23.57 33.77 0.62
N ASN B 116 -24.26 32.69 0.22
CA ASN B 116 -25.60 32.31 0.77
C ASN B 116 -25.49 31.92 2.25
N LEU B 117 -24.34 31.42 2.69
CA LEU B 117 -24.12 30.91 4.07
C LEU B 117 -23.74 32.07 5.02
N GLY B 118 -23.28 33.20 4.47
CA GLY B 118 -22.96 34.42 5.23
C GLY B 118 -21.86 34.20 6.25
N LYS B 119 -21.94 34.90 7.39
CA LYS B 119 -21.02 34.80 8.55
C LYS B 119 -21.66 33.92 9.62
N ASP B 120 -21.19 32.69 9.78
CA ASP B 120 -21.81 31.66 10.66
C ASP B 120 -20.71 30.91 11.39
N PRO B 121 -20.61 31.02 12.74
CA PRO B 121 -19.53 30.34 13.47
C PRO B 121 -19.46 28.83 13.22
N GLU B 122 -20.60 28.15 13.05
CA GLU B 122 -20.62 26.69 12.76
C GLU B 122 -19.97 26.44 11.39
N ILE B 123 -20.26 27.28 10.39
CA ILE B 123 -19.64 27.22 9.04
C ILE B 123 -18.13 27.44 9.20
N GLN B 124 -17.72 28.42 10.01
CA GLN B 124 -16.29 28.79 10.19
C GLN B 124 -15.53 27.63 10.82
N LYS B 125 -16.17 26.85 11.68
CA LYS B 125 -15.54 25.69 12.40
C LYS B 125 -15.51 24.45 11.49
N ARG B 126 -16.54 24.26 10.65
CA ARG B 126 -16.79 22.96 9.97
C ARG B 126 -16.51 23.01 8.46
N LEU B 127 -16.67 24.17 7.83
CA LEU B 127 -16.55 24.30 6.34
C LEU B 127 -15.08 24.50 5.97
N ILE B 128 -14.56 23.59 5.15
CA ILE B 128 -13.21 23.67 4.52
C ILE B 128 -13.41 24.04 3.05
N TYR B 129 -12.79 25.13 2.60
CA TYR B 129 -12.93 25.61 1.20
C TYR B 129 -12.13 24.68 0.29
N ASN B 130 -12.79 24.09 -0.73
CA ASN B 130 -12.16 23.18 -1.72
C ASN B 130 -12.41 23.74 -3.12
N SER B 131 -11.47 24.54 -3.65
CA SER B 131 -10.13 24.72 -3.13
C SER B 131 -9.57 26.06 -3.57
N ILE B 132 -8.47 26.50 -2.95
CA ILE B 132 -7.57 27.53 -3.53
C ILE B 132 -6.73 26.82 -4.60
N GLU B 133 -6.92 27.18 -5.87
CA GLU B 133 -6.26 26.53 -7.02
C GLU B 133 -5.81 27.63 -7.99
N GLU B 134 -5.10 27.25 -9.06
CA GLU B 134 -4.34 28.16 -9.96
C GLU B 134 -5.24 29.26 -10.56
N HIS B 135 -6.55 29.05 -10.63
CA HIS B 135 -7.53 29.97 -11.27
C HIS B 135 -8.13 30.95 -10.26
N TYR B 136 -7.60 31.03 -9.03
CA TYR B 136 -8.19 31.84 -7.94
C TYR B 136 -8.29 33.31 -8.36
N THR B 137 -9.33 34.00 -7.89
CA THR B 137 -9.60 35.43 -8.18
C THR B 137 -9.66 36.20 -6.86
N GLU B 138 -9.49 37.53 -6.91
CA GLU B 138 -9.59 38.42 -5.73
C GLU B 138 -11.02 38.34 -5.17
N GLU B 139 -12.03 38.24 -6.05
CA GLU B 139 -13.45 38.07 -5.66
C GLU B 139 -13.59 36.83 -4.77
N GLU B 140 -12.96 35.73 -5.17
CA GLU B 140 -13.01 34.43 -4.45
C GLU B 140 -12.34 34.57 -3.09
N LEU B 141 -11.15 35.17 -3.05
CA LEU B 141 -10.38 35.39 -1.78
C LEU B 141 -11.20 36.30 -0.85
N ALA B 142 -11.86 37.31 -1.40
CA ALA B 142 -12.70 38.28 -0.65
C ALA B 142 -13.92 37.56 -0.07
N ALA B 143 -14.55 36.66 -0.83
CA ALA B 143 -15.74 35.87 -0.41
C ALA B 143 -15.35 34.96 0.75
N ILE B 144 -14.16 34.35 0.68
CA ILE B 144 -13.61 33.47 1.75
C ILE B 144 -13.40 34.30 3.03
N LYS B 145 -12.75 35.47 2.89
CA LYS B 145 -12.45 36.38 4.02
C LYS B 145 -13.76 36.85 4.66
N GLU B 146 -14.75 37.25 3.84
CA GLU B 146 -16.09 37.71 4.31
C GLU B 146 -16.77 36.59 5.10
N ALA B 147 -16.59 35.32 4.70
CA ALA B 147 -17.19 34.14 5.37
C ALA B 147 -16.41 33.81 6.65
N GLY B 148 -15.17 34.31 6.77
CA GLY B 148 -14.30 34.09 7.94
C GLY B 148 -13.81 32.67 8.03
N LEU B 149 -13.62 31.99 6.89
CA LEU B 149 -13.10 30.59 6.83
C LEU B 149 -11.64 30.59 7.31
N LYS B 150 -11.22 29.52 7.98
CA LYS B 150 -9.86 29.40 8.57
C LYS B 150 -9.11 28.21 7.97
N THR B 151 -9.80 27.28 7.31
CA THR B 151 -9.17 26.09 6.67
C THR B 151 -9.59 25.98 5.20
N ALA B 152 -8.63 25.70 4.32
CA ALA B 152 -8.86 25.49 2.88
C ALA B 152 -7.98 24.33 2.39
N VAL B 153 -8.50 23.57 1.43
CA VAL B 153 -7.65 22.69 0.59
C VAL B 153 -6.90 23.61 -0.38
N ILE B 154 -5.58 23.46 -0.44
CA ILE B 154 -4.69 24.17 -1.39
C ILE B 154 -4.34 23.15 -2.48
N LEU B 155 -4.97 23.27 -3.64
CA LEU B 155 -4.89 22.26 -4.73
C LEU B 155 -3.85 22.70 -5.77
N ALA B 156 -2.74 21.98 -5.88
CA ALA B 156 -1.64 22.27 -6.82
C ALA B 156 -1.80 21.47 -8.12
N PHE B 157 -2.99 20.93 -8.40
CA PHE B 157 -3.34 20.33 -9.71
C PHE B 157 -3.18 21.40 -10.79
N SER B 158 -2.18 21.24 -11.66
CA SER B 158 -1.96 22.11 -12.84
C SER B 158 -1.17 21.34 -13.89
N LYS B 159 -1.59 21.41 -15.15
CA LYS B 159 -0.88 20.77 -16.28
C LYS B 159 0.31 21.65 -16.69
N LYS B 160 0.50 22.80 -16.04
CA LYS B 160 1.74 23.62 -16.11
C LYS B 160 2.69 23.28 -14.96
N ALA B 161 2.32 22.34 -14.09
CA ALA B 161 3.11 21.93 -12.90
C ALA B 161 3.00 20.41 -12.73
N LEU B 162 3.68 19.64 -13.58
CA LEU B 162 3.58 18.15 -13.60
C LEU B 162 4.51 17.57 -12.53
N LYS B 163 5.77 17.98 -12.50
CA LYS B 163 6.80 17.42 -11.57
C LYS B 163 6.54 17.95 -10.16
N PRO B 164 6.85 17.16 -9.11
CA PRO B 164 6.68 17.59 -7.72
C PRO B 164 7.21 19.01 -7.41
N ASN B 165 8.44 19.34 -7.83
CA ASN B 165 9.06 20.65 -7.50
C ASN B 165 8.28 21.79 -8.16
N ALA B 166 7.68 21.57 -9.33
CA ALA B 166 6.82 22.56 -10.02
C ALA B 166 5.54 22.79 -9.21
N ARG B 167 5.01 21.75 -8.58
CA ARG B 167 3.80 21.86 -7.71
C ARG B 167 4.15 22.64 -6.45
N ILE B 168 5.35 22.44 -5.91
CA ILE B 168 5.87 23.21 -4.73
C ILE B 168 5.96 24.68 -5.14
N ASP B 169 6.44 24.98 -6.35
CA ASP B 169 6.56 26.37 -6.88
C ASP B 169 5.16 27.01 -6.92
N LEU B 170 4.16 26.25 -7.40
CA LEU B 170 2.74 26.71 -7.45
C LEU B 170 2.26 27.02 -6.03
N LEU B 171 2.62 26.19 -5.05
CA LEU B 171 2.20 26.35 -3.63
C LEU B 171 2.91 27.55 -2.98
N GLN B 172 4.24 27.62 -3.08
CA GLN B 172 5.07 28.57 -2.28
C GLN B 172 5.29 29.88 -3.06
N GLY B 173 5.00 29.89 -4.37
CA GLY B 173 5.20 31.06 -5.24
C GLY B 173 6.57 31.03 -5.90
N LYS B 174 6.72 31.77 -6.99
CA LYS B 174 7.95 31.81 -7.82
C LYS B 174 7.84 33.00 -8.78
N ASP B 175 8.92 33.77 -8.94
CA ASP B 175 8.98 34.91 -9.89
C ASP B 175 7.83 35.87 -9.56
N ASP B 176 6.91 36.09 -10.50
CA ASP B 176 5.84 37.13 -10.40
C ASP B 176 4.58 36.55 -9.74
N LYS B 177 4.63 35.34 -9.18
CA LYS B 177 3.45 34.65 -8.60
C LYS B 177 3.67 34.46 -7.09
N GLU B 178 2.72 34.93 -6.28
CA GLU B 178 2.74 34.81 -4.79
C GLU B 178 2.62 33.33 -4.39
N GLY B 179 1.92 32.53 -5.19
CA GLY B 179 1.67 31.09 -4.92
C GLY B 179 0.39 30.91 -4.13
N LEU B 180 -0.10 29.67 -4.05
CA LEU B 180 -1.47 29.36 -3.55
C LEU B 180 -1.55 29.56 -2.04
N ILE B 181 -0.50 29.23 -1.29
CA ILE B 181 -0.47 29.41 0.20
C ILE B 181 -0.62 30.90 0.52
N ALA B 182 0.16 31.76 -0.15
CA ALA B 182 0.15 33.23 0.05
C ALA B 182 -1.24 33.77 -0.27
N ALA B 183 -1.85 33.31 -1.38
CA ALA B 183 -3.23 33.66 -1.79
C ALA B 183 -4.22 33.29 -0.67
N ALA B 184 -4.12 32.05 -0.15
CA ALA B 184 -4.98 31.54 0.95
C ALA B 184 -4.86 32.45 2.17
N LYS B 185 -3.64 32.84 2.55
CA LYS B 185 -3.39 33.70 3.74
C LYS B 185 -4.05 35.06 3.54
N ARG B 186 -4.05 35.61 2.33
CA ARG B 186 -4.69 36.91 2.02
C ARG B 186 -6.21 36.80 2.18
N ALA B 187 -6.77 35.61 2.03
CA ALA B 187 -8.20 35.29 2.24
C ALA B 187 -8.49 35.02 3.73
N GLY B 188 -7.45 35.10 4.58
CA GLY B 188 -7.56 34.88 6.05
C GLY B 188 -7.47 33.42 6.44
N ILE B 189 -7.17 32.52 5.49
CA ILE B 189 -6.95 31.07 5.77
C ILE B 189 -5.67 30.95 6.61
N GLU B 190 -5.72 30.15 7.68
CA GLU B 190 -4.58 29.93 8.61
C GLU B 190 -4.20 28.45 8.66
N GLN B 191 -5.01 27.57 8.06
CA GLN B 191 -4.81 26.10 8.07
C GLN B 191 -4.94 25.58 6.64
N PHE B 192 -3.91 24.88 6.16
CA PHE B 192 -3.71 24.51 4.75
C PHE B 192 -3.66 22.98 4.62
N LEU B 193 -4.71 22.41 4.01
CA LEU B 193 -4.75 20.98 3.63
C LEU B 193 -4.23 20.89 2.19
N VAL B 194 -2.96 20.52 2.02
CA VAL B 194 -2.26 20.63 0.71
C VAL B 194 -2.53 19.34 -0.08
N ASP B 195 -3.14 19.52 -1.25
CA ASP B 195 -3.48 18.44 -2.22
C ASP B 195 -2.73 18.76 -3.51
N PRO B 196 -1.61 18.08 -3.83
CA PRO B 196 -0.88 18.35 -5.07
C PRO B 196 -1.60 17.95 -6.37
N GLY B 197 -2.76 17.30 -6.26
CA GLY B 197 -3.55 16.80 -7.41
C GLY B 197 -3.04 15.44 -7.87
N VAL B 198 -3.90 14.67 -8.55
CA VAL B 198 -3.53 13.36 -9.18
C VAL B 198 -3.83 13.45 -10.67
N LEU B 199 -2.78 13.53 -11.49
CA LEU B 199 -2.85 13.66 -12.96
C LEU B 199 -3.30 12.34 -13.58
N ASP B 200 -2.80 11.22 -13.05
CA ASP B 200 -3.15 9.84 -13.49
C ASP B 200 -2.68 8.87 -12.41
N VAL B 201 -2.90 7.56 -12.59
CA VAL B 201 -2.62 6.54 -11.54
C VAL B 201 -1.10 6.46 -11.30
N ALA B 202 -0.31 6.25 -12.36
CA ALA B 202 1.15 6.06 -12.24
C ALA B 202 1.78 7.27 -11.52
N SER B 203 1.32 8.49 -11.81
CA SER B 203 1.91 9.74 -11.27
C SER B 203 1.40 10.04 -9.86
N ASN B 204 0.62 9.13 -9.26
CA ASN B 204 0.27 9.20 -7.81
C ASN B 204 1.57 9.18 -6.98
N SER B 205 2.64 8.57 -7.49
CA SER B 205 3.98 8.60 -6.84
C SER B 205 4.55 10.02 -6.86
N TRP B 206 4.31 10.77 -7.94
CA TRP B 206 4.70 12.19 -8.06
C TRP B 206 3.89 13.04 -7.08
N THR B 207 2.57 12.81 -7.04
CA THR B 207 1.64 13.43 -6.05
C THR B 207 2.21 13.22 -4.65
N THR B 208 2.61 11.99 -4.35
CA THR B 208 3.10 11.55 -3.01
C THR B 208 4.45 12.22 -2.73
N GLU B 209 5.32 12.35 -3.74
CA GLU B 209 6.62 13.06 -3.60
C GLU B 209 6.36 14.52 -3.24
N ALA B 210 5.37 15.17 -3.89
CA ALA B 210 4.97 16.56 -3.61
C ALA B 210 4.46 16.66 -2.16
N ILE B 211 3.63 15.72 -1.71
CA ILE B 211 3.16 15.65 -0.29
C ILE B 211 4.39 15.58 0.62
N ASN B 212 5.35 14.72 0.28
CA ASN B 212 6.59 14.52 1.09
C ASN B 212 7.34 15.86 1.20
N VAL B 213 7.53 16.57 0.09
CA VAL B 213 8.27 17.88 0.09
C VAL B 213 7.50 18.88 0.97
N VAL B 214 6.17 18.93 0.85
CA VAL B 214 5.29 19.82 1.67
C VAL B 214 5.54 19.55 3.16
N LYS B 215 5.46 18.28 3.58
CA LYS B 215 5.61 17.88 4.99
C LYS B 215 7.08 18.09 5.44
N GLU B 216 8.04 17.82 4.55
CA GLU B 216 9.50 17.99 4.81
C GLU B 216 9.82 19.46 5.13
N GLN B 217 9.25 20.40 4.36
CA GLN B 217 9.68 21.83 4.32
C GLN B 217 8.70 22.73 5.09
N PHE B 218 7.39 22.48 5.00
CA PHE B 218 6.33 23.38 5.53
C PHE B 218 5.62 22.76 6.73
N GLY B 219 5.50 21.43 6.78
CA GLY B 219 4.83 20.69 7.87
C GLY B 219 3.31 20.77 7.76
N TYR B 220 2.77 21.24 6.63
CA TYR B 220 1.30 21.28 6.40
C TYR B 220 0.81 19.87 6.14
N PRO B 221 -0.42 19.51 6.57
CA PRO B 221 -0.99 18.22 6.24
C PRO B 221 -1.08 18.07 4.72
N GLY B 222 -0.75 16.88 4.22
CA GLY B 222 -0.73 16.55 2.78
C GLY B 222 -1.63 15.36 2.48
N GLY B 223 -2.32 15.42 1.34
CA GLY B 223 -3.22 14.34 0.89
C GLY B 223 -3.50 14.49 -0.59
N CYS B 224 -4.38 13.64 -1.13
CA CYS B 224 -4.73 13.69 -2.56
C CYS B 224 -6.07 12.99 -2.79
N ALA B 225 -6.57 13.10 -4.02
CA ALA B 225 -7.89 12.64 -4.47
C ALA B 225 -7.70 11.77 -5.71
N PRO B 226 -7.23 10.51 -5.56
CA PRO B 226 -6.93 9.65 -6.71
C PRO B 226 -8.13 8.93 -7.36
N SER B 227 -9.35 9.16 -6.87
CA SER B 227 -10.55 8.37 -7.30
C SER B 227 -10.80 8.57 -8.79
N ALA B 228 -10.79 9.81 -9.28
CA ALA B 228 -11.05 10.16 -10.70
C ALA B 228 -10.07 9.38 -11.59
N ALA B 229 -8.77 9.41 -11.25
CA ALA B 229 -7.69 8.72 -12.00
C ALA B 229 -7.96 7.20 -12.04
N VAL B 230 -8.39 6.62 -10.92
CA VAL B 230 -8.67 5.16 -10.80
C VAL B 230 -9.89 4.82 -11.67
N TYR B 231 -10.96 5.62 -11.61
CA TYR B 231 -12.20 5.39 -12.39
C TYR B 231 -11.91 5.49 -13.91
N LEU B 232 -10.91 6.27 -14.31
CA LEU B 232 -10.56 6.47 -15.75
C LEU B 232 -9.60 5.36 -16.22
N TRP B 233 -9.19 4.47 -15.33
CA TRP B 233 -8.30 3.31 -15.63
C TRP B 233 -9.15 2.16 -16.18
N LYS B 234 -9.51 2.26 -17.46
CA LYS B 234 -10.46 1.35 -18.15
C LYS B 234 -9.98 -0.11 -18.05
N LYS B 235 -8.68 -0.34 -18.24
CA LYS B 235 -8.08 -1.70 -18.31
C LYS B 235 -8.33 -2.45 -17.01
N MET B 236 -8.15 -1.78 -15.86
CA MET B 236 -8.32 -2.39 -14.52
C MET B 236 -9.80 -2.39 -14.13
N ARG B 237 -10.52 -1.30 -14.42
CA ARG B 237 -11.96 -1.16 -14.09
C ARG B 237 -12.77 -2.25 -14.81
N SER B 238 -12.38 -2.59 -16.04
CA SER B 238 -12.99 -3.64 -16.91
C SER B 238 -12.96 -5.02 -16.21
N LYS B 239 -12.05 -5.24 -15.27
CA LYS B 239 -11.86 -6.57 -14.61
C LYS B 239 -12.94 -6.78 -13.54
N GLY B 240 -13.54 -5.71 -13.03
CA GLY B 240 -14.62 -5.78 -12.02
C GLY B 240 -14.10 -6.11 -10.64
N THR B 241 -14.97 -6.63 -9.78
CA THR B 241 -14.71 -6.91 -8.34
C THR B 241 -14.09 -8.29 -8.19
N PRO B 242 -13.08 -8.50 -7.30
CA PRO B 242 -12.50 -7.45 -6.45
C PRO B 242 -11.25 -6.76 -7.01
N PHE B 243 -10.96 -6.95 -8.30
CA PHE B 243 -9.70 -6.51 -8.96
C PHE B 243 -9.63 -4.99 -8.96
N PHE B 244 -10.74 -4.33 -9.30
CA PHE B 244 -10.84 -2.85 -9.33
C PHE B 244 -10.60 -2.30 -7.92
N GLU B 245 -11.21 -2.91 -6.90
CA GLU B 245 -11.11 -2.44 -5.48
C GLU B 245 -9.67 -2.60 -4.98
N VAL B 246 -9.00 -3.73 -5.25
CA VAL B 246 -7.62 -3.96 -4.74
C VAL B 246 -6.63 -3.01 -5.45
N ALA B 247 -6.84 -2.73 -6.73
CA ALA B 247 -6.07 -1.72 -7.50
C ALA B 247 -6.29 -0.34 -6.85
N GLY B 248 -7.56 0.03 -6.65
CA GLY B 248 -7.97 1.23 -5.91
C GLY B 248 -7.28 1.32 -4.56
N ALA B 249 -7.31 0.23 -3.78
CA ALA B 249 -6.70 0.15 -2.43
C ALA B 249 -5.20 0.41 -2.53
N ALA B 250 -4.52 -0.18 -3.52
CA ALA B 250 -3.07 0.01 -3.76
C ALA B 250 -2.80 1.50 -4.02
N VAL B 251 -3.64 2.17 -4.82
CA VAL B 251 -3.48 3.61 -5.18
C VAL B 251 -3.76 4.48 -3.94
N PHE B 252 -4.87 4.23 -3.23
CA PHE B 252 -5.32 5.06 -2.09
C PHE B 252 -4.35 4.92 -0.89
N THR B 253 -3.82 3.72 -0.66
CA THR B 253 -2.92 3.45 0.49
C THR B 253 -1.50 3.95 0.20
N TYR B 254 -1.10 4.06 -1.08
CA TYR B 254 0.31 4.37 -1.43
C TYR B 254 0.75 5.67 -0.75
N PRO B 255 0.00 6.79 -0.87
CA PRO B 255 0.43 8.05 -0.24
C PRO B 255 0.57 7.90 1.29
N ILE B 256 -0.31 7.11 1.91
CA ILE B 256 -0.31 6.85 3.38
C ILE B 256 0.99 6.12 3.76
N THR B 257 1.45 5.17 2.93
CA THR B 257 2.71 4.41 3.18
C THR B 257 3.91 5.36 3.14
N GLN B 258 3.77 6.52 2.47
CA GLN B 258 4.86 7.53 2.32
C GLN B 258 4.61 8.72 3.24
N GLY B 259 3.63 8.63 4.14
CA GLY B 259 3.45 9.57 5.27
C GLY B 259 2.36 10.61 5.06
N ALA B 260 1.47 10.43 4.08
CA ALA B 260 0.35 11.37 3.80
C ALA B 260 -0.68 11.32 4.94
N ASP B 261 -1.53 12.34 5.02
CA ASP B 261 -2.39 12.62 6.21
C ASP B 261 -3.87 12.38 5.91
N PHE B 262 -4.30 12.54 4.65
CA PHE B 262 -5.73 12.43 4.27
C PHE B 262 -5.84 11.93 2.84
N ILE B 263 -6.97 11.26 2.55
CA ILE B 263 -7.32 10.74 1.20
C ILE B 263 -8.78 11.11 0.94
N LEU B 264 -9.03 11.83 -0.16
CA LEU B 264 -10.36 11.90 -0.82
C LEU B 264 -10.51 10.62 -1.65
N TYR B 265 -11.34 9.67 -1.19
CA TYR B 265 -11.37 8.30 -1.74
C TYR B 265 -12.48 8.16 -2.79
N GLY B 266 -13.18 9.26 -3.10
CA GLY B 266 -14.25 9.30 -4.11
C GLY B 266 -15.62 9.05 -3.49
N PRO B 267 -16.59 8.52 -4.28
CA PRO B 267 -17.94 8.26 -3.77
C PRO B 267 -17.96 7.55 -2.41
N MET B 268 -18.81 8.03 -1.49
CA MET B 268 -18.97 7.49 -0.13
C MET B 268 -19.40 6.02 -0.17
N MET B 269 -20.07 5.57 -1.24
CA MET B 269 -20.55 4.16 -1.36
C MET B 269 -19.36 3.19 -1.26
N ASN B 270 -18.14 3.65 -1.55
CA ASN B 270 -16.91 2.82 -1.53
C ASN B 270 -16.27 2.81 -0.13
N ALA B 271 -16.83 3.56 0.82
CA ALA B 271 -16.30 3.70 2.20
C ALA B 271 -16.05 2.34 2.84
N PRO B 272 -16.98 1.36 2.77
CA PRO B 272 -16.79 0.07 3.45
C PRO B 272 -15.44 -0.62 3.15
N TRP B 273 -14.96 -0.60 1.90
CA TRP B 273 -13.68 -1.28 1.54
C TRP B 273 -12.51 -0.29 1.71
N VAL B 274 -12.71 1.00 1.43
CA VAL B 274 -11.64 2.03 1.59
C VAL B 274 -11.20 2.07 3.06
N TYR B 275 -12.14 2.14 4.01
CA TYR B 275 -11.84 2.22 5.47
C TYR B 275 -11.02 0.99 5.88
N ARG B 276 -11.41 -0.19 5.39
CA ARG B 276 -10.76 -1.47 5.76
C ARG B 276 -9.31 -1.47 5.25
N ALA B 277 -9.06 -0.99 4.02
CA ALA B 277 -7.72 -0.95 3.41
C ALA B 277 -6.84 0.10 4.12
N ILE B 278 -7.36 1.31 4.30
CA ILE B 278 -6.60 2.46 4.88
C ILE B 278 -6.27 2.16 6.35
N ALA B 279 -7.24 1.64 7.12
CA ALA B 279 -7.06 1.23 8.53
C ALA B 279 -5.88 0.27 8.65
N THR B 280 -5.80 -0.71 7.75
CA THR B 280 -4.73 -1.74 7.72
C THR B 280 -3.37 -1.05 7.59
N THR B 281 -3.22 -0.17 6.59
CA THR B 281 -1.98 0.60 6.35
C THR B 281 -1.64 1.42 7.60
N ASP B 282 -2.61 2.17 8.12
CA ASP B 282 -2.42 3.03 9.33
C ASP B 282 -1.87 2.17 10.48
N ALA B 283 -2.44 0.98 10.69
CA ALA B 283 -2.09 0.07 11.80
C ALA B 283 -0.61 -0.32 11.70
N MET B 284 -0.15 -0.70 10.50
CA MET B 284 1.27 -1.08 10.25
C MET B 284 2.19 0.12 10.50
N ILE B 285 1.81 1.30 10.00
CA ILE B 285 2.65 2.54 10.15
C ILE B 285 2.81 2.87 11.64
N ALA B 286 1.72 2.87 12.41
CA ALA B 286 1.74 3.25 13.85
C ALA B 286 2.57 2.24 14.65
N TYR B 287 2.60 0.98 14.24
CA TYR B 287 3.42 -0.08 14.91
C TYR B 287 4.92 0.28 14.79
N ASN B 288 5.28 1.03 13.74
CA ASN B 288 6.65 1.55 13.45
C ASN B 288 7.10 2.65 14.44
N ASN B 289 6.19 3.20 15.23
CA ASN B 289 6.36 4.49 15.96
C ASN B 289 7.65 4.47 16.80
N LYS B 290 7.97 3.34 17.45
CA LYS B 290 9.18 3.21 18.30
C LYS B 290 10.43 3.42 17.43
N LEU B 291 10.42 2.92 16.19
CA LEU B 291 11.59 2.97 15.26
C LEU B 291 11.74 4.38 14.68
N THR B 292 10.63 5.14 14.56
CA THR B 292 10.60 6.50 13.97
C THR B 292 10.80 7.57 15.06
N GLY B 293 10.51 7.25 16.32
CA GLY B 293 10.58 8.18 17.46
C GLY B 293 9.29 8.98 17.60
N VAL B 294 8.17 8.41 17.14
CA VAL B 294 6.83 9.06 17.13
C VAL B 294 5.98 8.46 18.25
N LYS B 295 5.10 9.27 18.84
CA LYS B 295 4.07 8.85 19.83
C LYS B 295 2.70 9.05 19.20
N MET B 296 1.82 8.04 19.30
CA MET B 296 0.39 8.19 18.90
C MET B 296 -0.20 9.38 19.66
N GLY B 297 -0.91 10.27 18.94
CA GLY B 297 -1.57 11.45 19.51
C GLY B 297 -2.96 11.14 20.03
N THR B 298 -3.45 9.93 19.76
CA THR B 298 -4.82 9.48 20.14
C THR B 298 -4.84 7.95 20.28
N THR B 299 -5.71 7.43 21.14
CA THR B 299 -5.99 5.98 21.35
C THR B 299 -7.04 5.53 20.32
N GLU B 300 -7.75 6.49 19.70
CA GLU B 300 -8.70 6.23 18.58
C GLU B 300 -7.86 6.05 17.30
N HIS B 301 -7.19 4.90 17.20
CA HIS B 301 -6.27 4.57 16.08
C HIS B 301 -6.52 3.13 15.62
N PRO B 302 -6.55 2.87 14.29
CA PRO B 302 -6.71 1.51 13.78
C PRO B 302 -5.90 0.42 14.48
N LEU B 303 -4.63 0.70 14.81
CA LEU B 303 -3.72 -0.29 15.44
C LEU B 303 -4.36 -0.87 16.71
N LEU B 304 -5.13 -0.04 17.44
CA LEU B 304 -5.73 -0.42 18.75
C LEU B 304 -7.19 -0.88 18.59
N LYS B 305 -7.70 -1.01 17.35
CA LYS B 305 -9.16 -1.20 17.11
C LYS B 305 -9.45 -2.37 16.15
N ILE B 306 -8.64 -2.60 15.11
CA ILE B 306 -9.07 -3.44 13.94
C ILE B 306 -8.68 -4.92 14.13
N PHE B 307 -7.88 -5.27 15.15
CA PHE B 307 -7.39 -6.65 15.38
C PHE B 307 -8.13 -7.29 16.55
C9 THH C . 4.93 -19.55 8.94
C6 THH C . 6.45 -19.47 9.14
C7 THH C . 7.14 -20.72 8.53
N8 THH C . 7.85 -20.51 7.28
C8A THH C . 8.15 -19.28 6.81
N1 THH C . 8.90 -19.11 5.70
C4A THH C . 7.70 -18.08 7.55
N5 THH C . 6.94 -18.19 8.66
C4 THH C . 8.08 -16.77 6.99
O4 THH C . 7.72 -15.71 7.54
N3 THH C . 8.82 -16.76 5.86
C2 THH C . 9.22 -17.89 5.23
NA2 THH C . 9.97 -17.79 4.11
C1 GOL D . 28.24 -29.14 4.32
O1 GOL D . 28.90 -30.36 4.00
C2 GOL D . 28.70 -28.59 5.66
O2 GOL D . 28.50 -29.57 6.66
C3 GOL D . 30.15 -28.15 5.64
O3 GOL D . 30.58 -27.71 6.93
C1 GOL E . -4.01 5.27 -15.57
O1 GOL E . -4.27 6.62 -15.16
C2 GOL E . -3.52 5.23 -17.01
O2 GOL E . -2.39 6.09 -17.17
C3 GOL E . -4.57 5.60 -18.03
O3 GOL E . -5.79 6.03 -17.41
C1 GOL F . -6.14 -36.62 -10.84
O1 GOL F . -5.20 -35.93 -10.02
C2 GOL F . -6.92 -35.68 -11.74
O2 GOL F . -6.46 -34.34 -11.57
C3 GOL F . -8.41 -35.73 -11.52
O3 GOL F . -9.12 -35.32 -12.68
C1 GOL G . -1.98 -37.68 -8.03
O1 GOL G . -1.98 -37.54 -6.61
C2 GOL G . -3.22 -38.39 -8.52
O2 GOL G . -3.45 -38.05 -9.90
C3 GOL G . -3.15 -39.89 -8.38
O3 GOL G . -4.45 -40.46 -8.16
C9 THH H . -10.48 17.85 -11.00
C6 THH H . -10.06 18.54 -9.71
C7 THH H . -11.27 19.19 -9.04
N8 THH H . -11.10 19.47 -7.62
C8A THH H . -10.23 18.76 -6.86
N1 THH H . -10.18 18.91 -5.53
C4A THH H . -9.36 17.75 -7.50
N5 THH H . -9.36 17.60 -8.85
C4 THH H . -8.46 17.01 -6.61
O4 THH H . -7.68 16.14 -7.06
N3 THH H . -8.50 17.26 -5.29
C2 THH H . -9.34 18.18 -4.76
NA2 THH H . -9.30 18.36 -3.41
C1 GOL I . -11.32 40.22 -9.30
O1 GOL I . -11.96 39.03 -8.84
C2 GOL I . -10.12 39.90 -10.18
O2 GOL I . -9.23 39.05 -9.47
C3 GOL I . -10.52 39.27 -11.50
O3 GOL I . -9.56 38.30 -11.93
#